data_8YMY
#
_entry.id   8YMY
#
_cell.length_a   54.427
_cell.length_b   67.405
_cell.length_c   86.435
_cell.angle_alpha   90.000
_cell.angle_beta   90.000
_cell.angle_gamma   90.000
#
_symmetry.space_group_name_H-M   'P 21 21 21'
#
loop_
_entity.id
_entity.type
_entity.pdbx_description
1 polymer Glucanase
2 branched beta-D-glucopyranose-(1-4)-alpha-D-glucopyranose
3 branched beta-D-glucopyranose-(1-4)-beta-D-glucopyranose
4 non-polymer beta-D-glucopyranose
5 water water
#
_entity_poly.entity_id   1
_entity_poly.type   'polypeptide(L)'
_entity_poly.pdbx_seq_one_letter_code
;SANNPWTGFQIFLSPYYANEVAAAAKQITDPTLSSKAASVANIPTFTWLDSVAKIPDLGTYLASASALGKSTGTKQLVQI
VIYDLPDRDCAAKASNGEFSIANNGQANYENYIDQIVAQIQQFPDVRVVAVIEPDSLANLVTNLNVQKCANAKTTYLASV
NYALTNLAKVGVYMYMDAGHAGWLGWPANLSPAAQLFTQVWQNAGKSPFIKGLATNVANYNALQAASPDPITQGNPNYDE
IHYINALAPLLQQAGWDATFIVDQGKSGVQNIRQQWGDWCNIKGAGFGTRPTTNTGSQFIDSIVWVKPGGESDGTSNSSS
PRYDSTCSLPDAAQPAPEAGTWFQAYFQTLVSAANPPL
;
_entity_poly.pdbx_strand_id   A
#
loop_
_chem_comp.id
_chem_comp.type
_chem_comp.name
_chem_comp.formula
BGC D-saccharide, beta linking beta-D-glucopyranose 'C6 H12 O6'
GLC D-saccharide, alpha linking alpha-D-glucopyranose 'C6 H12 O6'
#
# COMPACT_ATOMS: atom_id res chain seq x y z
N SER A 1 2.48 -7.98 -19.21
N SER A 1 4.09 -9.59 -21.23
CA SER A 1 2.40 -9.01 -20.24
CA SER A 1 2.85 -9.83 -20.49
C SER A 1 0.96 -9.19 -20.70
C SER A 1 1.70 -10.07 -21.46
N ALA A 2 0.63 -10.42 -21.08
N ALA A 2 0.64 -10.71 -20.97
CA ALA A 2 -0.66 -10.69 -21.73
CA ALA A 2 -0.59 -10.85 -21.75
C ALA A 2 -1.84 -10.28 -20.85
C ALA A 2 -1.81 -10.54 -20.90
N ASN A 3 -1.85 -10.72 -19.59
N ASN A 3 -1.73 -10.85 -19.61
CA ASN A 3 -3.03 -10.63 -18.74
CA ASN A 3 -2.85 -10.63 -18.69
C ASN A 3 -2.84 -9.58 -17.64
C ASN A 3 -2.49 -9.47 -17.78
N ASN A 4 -3.16 -8.34 -17.97
CA ASN A 4 -3.13 -7.25 -16.99
C ASN A 4 -4.48 -7.27 -16.28
N PRO A 5 -4.53 -7.43 -14.95
CA PRO A 5 -5.83 -7.59 -14.28
C PRO A 5 -6.80 -6.45 -14.52
N TRP A 6 -6.32 -5.25 -14.83
N TRP A 6 -6.32 -5.26 -14.86
CA TRP A 6 -7.19 -4.10 -15.03
CA TRP A 6 -7.17 -4.08 -14.94
C TRP A 6 -7.83 -4.04 -16.42
C TRP A 6 -7.89 -3.94 -16.28
N THR A 7 -7.27 -4.72 -17.42
N THR A 7 -7.22 -4.27 -17.39
CA THR A 7 -7.82 -4.60 -18.77
CA THR A 7 -7.76 -4.01 -18.72
C THR A 7 -9.25 -5.11 -18.79
C THR A 7 -9.16 -4.56 -18.89
N GLY A 8 -10.14 -4.30 -19.36
N GLY A 8 -10.05 -3.73 -19.43
CA GLY A 8 -11.50 -4.73 -19.59
CA GLY A 8 -11.45 -4.07 -19.68
C GLY A 8 -12.43 -4.58 -18.42
C GLY A 8 -12.42 -3.79 -18.55
N PHE A 9 -11.98 -3.99 -17.32
CA PHE A 9 -12.80 -3.81 -16.13
C PHE A 9 -12.94 -2.33 -15.78
N GLN A 10 -14.06 -1.98 -15.16
CA GLN A 10 -14.23 -0.69 -14.50
CA GLN A 10 -14.20 -0.69 -14.51
C GLN A 10 -13.90 -0.86 -13.03
N ILE A 11 -13.06 0.02 -12.49
CA ILE A 11 -12.71 -0.09 -11.08
C ILE A 11 -13.84 0.47 -10.22
N PHE A 12 -14.30 -0.34 -9.28
CA PHE A 12 -15.31 0.06 -8.32
C PHE A 12 -14.68 1.05 -7.33
N LEU A 13 -15.26 2.24 -7.21
CA LEU A 13 -14.69 3.25 -6.32
C LEU A 13 -14.93 2.86 -4.87
N SER A 14 -13.96 3.16 -4.01
CA SER A 14 -14.08 2.79 -2.60
C SER A 14 -15.20 3.56 -1.92
N PRO A 15 -16.23 2.91 -1.41
CA PRO A 15 -17.24 3.65 -0.64
C PRO A 15 -16.72 4.15 0.70
N TYR A 16 -15.76 3.42 1.26
CA TYR A 16 -15.18 3.80 2.55
C TYR A 16 -14.40 5.11 2.43
N TYR A 17 -13.53 5.19 1.41
CA TYR A 17 -12.82 6.44 1.16
C TYR A 17 -13.78 7.53 0.71
N ALA A 18 -14.78 7.20 -0.09
CA ALA A 18 -15.72 8.21 -0.55
C ALA A 18 -16.43 8.86 0.64
N ASN A 19 -16.77 8.07 1.66
CA ASN A 19 -17.42 8.61 2.84
C ASN A 19 -16.49 9.57 3.56
N GLU A 20 -15.22 9.19 3.72
CA GLU A 20 -14.25 10.08 4.36
C GLU A 20 -14.06 11.36 3.57
N VAL A 21 -13.94 11.24 2.24
CA VAL A 21 -13.64 12.39 1.39
C VAL A 21 -14.82 13.35 1.36
N ALA A 22 -16.04 12.83 1.26
CA ALA A 22 -17.19 13.72 1.21
C ALA A 22 -17.31 14.53 2.49
N ALA A 23 -17.10 13.88 3.63
CA ALA A 23 -17.17 14.59 4.90
C ALA A 23 -16.03 15.59 5.01
N ALA A 24 -14.85 15.21 4.53
CA ALA A 24 -13.70 16.09 4.57
C ALA A 24 -13.90 17.32 3.70
N ALA A 25 -14.44 17.12 2.50
CA ALA A 25 -14.60 18.24 1.57
C ALA A 25 -15.53 19.30 2.12
N LYS A 26 -16.57 18.90 2.85
N LYS A 26 -16.53 18.89 2.90
CA LYS A 26 -17.52 19.87 3.40
CA LYS A 26 -17.48 19.83 3.50
C LYS A 26 -16.88 20.76 4.46
C LYS A 26 -16.76 20.84 4.38
N GLN A 27 -15.75 20.34 5.03
N GLN A 27 -15.76 20.39 5.14
CA GLN A 27 -15.04 21.12 6.04
CA GLN A 27 -15.07 21.26 6.08
C GLN A 27 -13.91 21.96 5.48
C GLN A 27 -14.06 22.17 5.40
N ILE A 28 -13.61 21.83 4.19
CA ILE A 28 -12.63 22.67 3.54
C ILE A 28 -13.31 23.97 3.14
N THR A 29 -12.83 25.08 3.69
CA THR A 29 -13.61 26.30 3.66
C THR A 29 -13.52 27.01 2.31
N ASP A 30 -12.36 26.96 1.66
CA ASP A 30 -12.25 27.58 0.33
C ASP A 30 -13.06 26.77 -0.67
N PRO A 31 -14.01 27.38 -1.39
CA PRO A 31 -14.90 26.60 -2.26
C PRO A 31 -14.17 25.89 -3.38
N THR A 32 -13.18 26.55 -3.98
CA THR A 32 -12.45 25.94 -5.08
C THR A 32 -11.68 24.72 -4.61
N LEU A 33 -11.01 24.84 -3.46
CA LEU A 33 -10.30 23.69 -2.92
C LEU A 33 -11.27 22.59 -2.50
N SER A 34 -12.43 22.99 -1.97
CA SER A 34 -13.41 22.00 -1.54
C SER A 34 -13.91 21.15 -2.70
N SER A 35 -14.19 21.77 -3.85
CA SER A 35 -14.65 20.98 -5.00
CA SER A 35 -14.63 21.02 -5.03
C SER A 35 -13.54 20.06 -5.50
N LYS A 36 -12.30 20.54 -5.52
N LYS A 36 -12.29 20.50 -5.51
CA LYS A 36 -11.18 19.68 -5.87
CA LYS A 36 -11.22 19.60 -5.91
C LYS A 36 -11.10 18.49 -4.92
C LYS A 36 -11.03 18.47 -4.92
N ALA A 37 -11.23 18.76 -3.63
CA ALA A 37 -11.16 17.70 -2.62
C ALA A 37 -12.26 16.66 -2.84
N ALA A 38 -13.50 17.12 -3.08
CA ALA A 38 -14.60 16.19 -3.27
C ALA A 38 -14.36 15.28 -4.46
N SER A 39 -13.67 15.78 -5.49
CA SER A 39 -13.41 15.00 -6.70
C SER A 39 -12.50 13.81 -6.44
N VAL A 40 -11.76 13.82 -5.33
CA VAL A 40 -10.88 12.71 -5.00
C VAL A 40 -11.67 11.42 -4.83
N ALA A 41 -12.94 11.51 -4.43
CA ALA A 41 -13.74 10.30 -4.25
C ALA A 41 -14.00 9.56 -5.56
N ASN A 42 -13.71 10.19 -6.69
CA ASN A 42 -13.87 9.58 -7.99
C ASN A 42 -12.57 8.99 -8.52
N ILE A 43 -11.52 8.98 -7.72
CA ILE A 43 -10.24 8.41 -8.11
C ILE A 43 -10.12 7.03 -7.46
N PRO A 44 -9.84 5.98 -8.22
CA PRO A 44 -9.82 4.64 -7.62
C PRO A 44 -8.69 4.47 -6.61
N THR A 45 -9.04 3.87 -5.47
CA THR A 45 -8.11 3.58 -4.38
C THR A 45 -8.33 2.15 -3.90
N PHE A 46 -7.36 1.66 -3.12
CA PHE A 46 -7.50 0.37 -2.45
C PHE A 46 -8.13 0.57 -1.08
N THR A 47 -9.05 -0.31 -0.72
CA THR A 47 -9.69 -0.30 0.58
C THR A 47 -9.05 -1.37 1.46
N TRP A 48 -8.68 -0.99 2.67
CA TRP A 48 -7.86 -1.86 3.51
C TRP A 48 -8.74 -2.70 4.43
N LEU A 49 -8.51 -4.01 4.39
CA LEU A 49 -9.14 -4.93 5.33
C LEU A 49 -8.19 -5.07 6.53
N ASP A 50 -8.11 -3.98 7.31
CA ASP A 50 -7.16 -3.87 8.40
C ASP A 50 -7.67 -4.48 9.69
N SER A 51 -8.88 -5.03 9.68
CA SER A 51 -9.43 -5.72 10.83
C SER A 51 -10.57 -6.59 10.35
N VAL A 52 -10.97 -7.55 11.19
CA VAL A 52 -12.11 -8.40 10.85
C VAL A 52 -13.38 -7.58 10.70
N ALA A 53 -13.47 -6.44 11.39
CA ALA A 53 -14.63 -5.57 11.26
C ALA A 53 -14.85 -5.11 9.82
N LYS A 54 -13.81 -5.12 9.00
CA LYS A 54 -13.94 -4.67 7.62
C LYS A 54 -14.42 -5.77 6.68
N ILE A 55 -14.47 -7.03 7.11
CA ILE A 55 -14.89 -8.10 6.20
C ILE A 55 -16.32 -7.95 5.73
N PRO A 56 -17.30 -7.62 6.59
CA PRO A 56 -18.65 -7.36 6.05
C PRO A 56 -18.67 -6.19 5.07
N ASP A 57 -17.82 -5.18 5.26
CA ASP A 57 -17.69 -4.12 4.26
C ASP A 57 -17.32 -4.70 2.91
N LEU A 58 -16.32 -5.61 2.88
CA LEU A 58 -15.94 -6.25 1.62
C LEU A 58 -17.16 -6.87 0.95
N GLY A 59 -17.98 -7.59 1.73
CA GLY A 59 -19.18 -8.16 1.16
C GLY A 59 -20.07 -7.11 0.50
N THR A 60 -20.26 -5.96 1.16
CA THR A 60 -21.06 -4.90 0.54
C THR A 60 -20.42 -4.38 -0.74
N TYR A 61 -19.09 -4.25 -0.77
CA TYR A 61 -18.43 -3.77 -1.98
C TYR A 61 -18.62 -4.74 -3.14
N LEU A 62 -18.45 -6.03 -2.87
CA LEU A 62 -18.61 -7.04 -3.92
C LEU A 62 -20.03 -7.04 -4.45
N ALA A 63 -21.02 -6.98 -3.55
CA ALA A 63 -22.40 -7.02 -4.00
C ALA A 63 -22.78 -5.76 -4.75
N SER A 64 -22.28 -4.60 -4.29
CA SER A 64 -22.55 -3.36 -5.01
C SER A 64 -21.86 -3.35 -6.36
N ALA A 65 -20.62 -3.82 -6.42
CA ALA A 65 -19.91 -3.90 -7.69
C ALA A 65 -20.62 -4.85 -8.65
N SER A 66 -21.08 -6.00 -8.17
CA SER A 66 -21.79 -6.93 -9.04
C SER A 66 -23.01 -6.27 -9.65
N ALA A 67 -23.82 -5.62 -8.81
N ALA A 67 -23.77 -5.53 -8.82
CA ALA A 67 -25.03 -4.96 -9.30
CA ALA A 67 -24.99 -4.87 -9.29
C ALA A 67 -24.68 -3.85 -10.28
C ALA A 67 -24.68 -3.73 -10.25
N LEU A 68 -23.62 -3.09 -10.00
N LEU A 68 -23.74 -2.86 -9.89
CA LEU A 68 -23.25 -1.99 -10.89
CA LEU A 68 -23.42 -1.72 -10.74
C LEU A 68 -22.82 -2.53 -12.24
C LEU A 68 -22.85 -2.16 -12.10
N GLY A 69 -22.04 -3.61 -12.26
N GLY A 69 -22.30 -3.37 -12.17
CA GLY A 69 -21.66 -4.22 -13.52
CA GLY A 69 -21.86 -3.94 -13.42
C GLY A 69 -22.86 -4.62 -14.34
C GLY A 69 -23.00 -4.53 -14.25
N LYS A 70 -23.88 -5.17 -13.68
N LYS A 70 -23.78 -5.44 -13.65
CA LYS A 70 -25.08 -5.58 -14.41
CA LYS A 70 -24.86 -6.09 -14.36
C LYS A 70 -25.81 -4.40 -15.01
C LYS A 70 -25.89 -5.09 -14.89
N SER A 71 -25.86 -3.27 -14.30
N SER A 71 -26.10 -3.98 -14.16
CA SER A 71 -26.68 -2.14 -14.73
CA SER A 71 -27.04 -2.97 -14.62
C SER A 71 -25.93 -1.12 -15.57
C SER A 71 -26.48 -2.13 -15.76
N THR A 72 -24.60 -1.21 -15.66
N THR A 72 -25.16 -2.00 -15.84
CA THR A 72 -23.83 -0.34 -16.55
CA THR A 72 -24.51 -1.18 -16.85
C THR A 72 -23.22 -1.09 -17.72
C THR A 72 -23.76 -1.99 -17.90
N GLY A 73 -23.47 -2.39 -17.85
N GLY A 73 -23.70 -3.31 -17.73
CA GLY A 73 -22.95 -3.17 -18.94
CA GLY A 73 -22.93 -4.14 -18.64
C GLY A 73 -21.48 -3.52 -18.82
C GLY A 73 -21.43 -3.96 -18.53
N THR A 74 -20.93 -3.47 -17.62
N THR A 74 -20.94 -3.34 -17.46
CA THR A 74 -19.50 -3.58 -17.41
CA THR A 74 -19.53 -3.05 -17.26
C THR A 74 -19.17 -4.73 -16.48
C THR A 74 -19.08 -3.71 -15.96
N LYS A 75 -17.89 -5.07 -16.46
N LYS A 75 -18.51 -4.91 -16.07
CA LYS A 75 -17.34 -5.95 -15.45
CA LYS A 75 -18.11 -5.66 -14.88
C LYS A 75 -16.58 -5.08 -14.47
C LYS A 75 -17.15 -4.83 -14.04
N GLN A 76 -16.80 -5.32 -13.18
N GLN A 76 -17.19 -5.06 -12.73
CA GLN A 76 -16.28 -4.47 -12.13
CA GLN A 76 -16.44 -4.26 -11.78
C GLN A 76 -15.13 -5.12 -11.39
C GLN A 76 -15.27 -5.04 -11.19
N LEU A 77 -14.23 -4.28 -10.87
CA LEU A 77 -13.03 -4.72 -10.20
C LEU A 77 -12.93 -4.02 -8.85
N VAL A 78 -12.78 -4.81 -7.80
CA VAL A 78 -12.69 -4.31 -6.43
C VAL A 78 -11.24 -4.44 -5.94
N GLN A 79 -10.70 -3.35 -5.40
CA GLN A 79 -9.30 -3.25 -4.98
C GLN A 79 -9.20 -3.29 -3.46
N ILE A 80 -8.50 -4.29 -2.92
CA ILE A 80 -8.41 -4.46 -1.48
C ILE A 80 -6.97 -4.66 -1.03
N VAL A 81 -6.73 -4.37 0.24
CA VAL A 81 -5.47 -4.67 0.93
C VAL A 81 -5.75 -5.69 2.03
N ILE A 82 -5.00 -6.77 2.02
CA ILE A 82 -5.01 -7.76 3.08
C ILE A 82 -3.97 -7.29 4.11
N TYR A 83 -4.41 -6.92 5.31
CA TYR A 83 -3.51 -6.24 6.25
C TYR A 83 -3.94 -6.53 7.69
N ASP A 84 -3.72 -7.78 8.13
CA ASP A 84 -4.11 -8.12 9.49
C ASP A 84 -3.23 -9.22 10.10
N LEU A 85 -1.95 -9.27 9.73
CA LEU A 85 -1.09 -10.32 10.25
C LEU A 85 -1.04 -10.27 11.77
N PRO A 86 -0.89 -11.42 12.42
CA PRO A 86 -0.52 -11.41 13.84
C PRO A 86 0.82 -10.72 14.02
N ASP A 87 0.96 -9.95 15.10
CA ASP A 87 2.18 -9.19 15.34
C ASP A 87 2.51 -8.30 14.15
N ARG A 88 1.47 -7.63 13.64
CA ARG A 88 1.59 -6.77 12.47
C ARG A 88 2.59 -5.66 12.74
N ASP A 89 3.28 -5.22 11.69
CA ASP A 89 4.15 -4.05 11.76
C ASP A 89 5.32 -4.30 12.72
N CYS A 90 6.09 -5.34 12.44
CA CYS A 90 6.99 -5.83 13.47
C CYS A 90 8.20 -4.93 13.75
N ALA A 91 8.55 -4.05 12.81
N ALA A 91 8.50 -3.98 12.86
CA ALA A 91 9.71 -3.18 12.98
CA ALA A 91 9.63 -3.07 13.06
C ALA A 91 9.32 -1.75 13.34
C ALA A 91 9.18 -1.64 13.39
N ALA A 92 8.06 -1.51 13.68
N ALA A 92 7.91 -1.43 13.71
CA ALA A 92 7.59 -0.19 14.08
CA ALA A 92 7.42 -0.09 14.01
C ALA A 92 6.49 -0.37 15.11
C ALA A 92 6.11 -0.21 14.77
N LYS A 93 5.97 0.76 15.61
N LYS A 93 5.90 0.67 15.74
CA LYS A 93 4.96 0.71 16.67
CA LYS A 93 4.80 0.53 16.68
C LYS A 93 3.59 1.21 16.25
C LYS A 93 3.48 1.09 16.18
N ALA A 94 3.49 1.92 15.13
CA ALA A 94 2.31 2.73 14.85
C ALA A 94 1.10 1.93 14.41
N SER A 95 1.30 0.78 13.79
CA SER A 95 0.21 0.04 13.16
C SER A 95 0.03 -1.36 13.73
N ASN A 96 0.42 -1.57 14.99
CA ASN A 96 0.10 -2.80 15.69
CA ASN A 96 0.11 -2.83 15.63
C ASN A 96 -1.39 -3.10 15.54
N GLY A 97 -1.72 -4.38 15.31
CA GLY A 97 -3.07 -4.79 14.99
C GLY A 97 -3.75 -5.64 16.05
N GLU A 98 -4.91 -6.17 15.68
N GLU A 98 -4.92 -6.15 15.68
CA GLU A 98 -5.77 -6.87 16.62
CA GLU A 98 -5.75 -6.87 16.64
C GLU A 98 -5.35 -8.31 16.90
C GLU A 98 -5.18 -8.23 17.00
N PHE A 99 -4.48 -8.89 16.08
CA PHE A 99 -4.04 -10.27 16.29
C PHE A 99 -2.62 -10.29 16.82
N SER A 100 -2.38 -11.19 17.77
CA SER A 100 -1.04 -11.40 18.33
CA SER A 100 -1.04 -11.40 18.30
C SER A 100 -0.74 -12.88 18.30
N ILE A 101 0.54 -13.23 18.09
N ILE A 101 0.54 -13.23 18.12
CA ILE A 101 0.92 -14.63 17.93
CA ILE A 101 0.94 -14.62 18.17
C ILE A 101 0.41 -15.50 19.08
C ILE A 101 0.72 -15.20 19.56
N ALA A 102 0.54 -15.00 20.31
N ALA A 102 0.85 -14.38 20.60
CA ALA A 102 0.15 -15.80 21.48
CA ALA A 102 0.64 -14.85 21.97
C ALA A 102 -1.36 -15.97 21.61
C ALA A 102 -0.83 -15.01 22.32
N ASN A 103 -2.16 -15.10 21.01
N ASN A 103 -1.76 -14.50 21.50
CA ASN A 103 -3.62 -15.16 21.13
CA ASN A 103 -3.19 -14.62 21.77
C ASN A 103 -4.23 -15.90 19.94
C ASN A 103 -3.90 -15.22 20.57
N ASN A 104 -3.84 -17.16 19.74
N ASN A 104 -3.44 -16.41 20.16
CA ASN A 104 -4.27 -17.94 18.56
CA ASN A 104 -4.09 -17.21 19.12
C ASN A 104 -4.07 -17.15 17.27
C ASN A 104 -4.13 -16.50 17.77
N GLY A 105 -2.96 -16.41 17.18
N GLY A 105 -3.04 -15.83 17.41
CA GLY A 105 -2.83 -15.42 16.12
CA GLY A 105 -3.05 -15.04 16.19
C GLY A 105 -2.89 -16.02 14.73
C GLY A 105 -3.07 -15.77 14.86
N GLN A 106 -2.06 -17.03 14.47
N GLN A 106 -2.26 -16.82 14.72
CA GLN A 106 -2.03 -17.63 13.14
CA GLN A 106 -2.10 -17.46 13.41
C GLN A 106 -3.38 -18.25 12.80
C GLN A 106 -3.40 -18.09 12.94
N ALA A 107 -4.00 -18.94 13.76
CA ALA A 107 -5.30 -19.54 13.46
C ALA A 107 -6.35 -18.46 13.22
N ASN A 108 -6.34 -17.40 14.02
CA ASN A 108 -7.28 -16.30 13.78
C ASN A 108 -7.04 -15.66 12.43
N TYR A 109 -5.79 -15.50 12.04
CA TYR A 109 -5.52 -14.91 10.74
C TYR A 109 -6.05 -15.80 9.63
N GLU A 110 -5.78 -17.09 9.69
N GLU A 110 -5.91 -17.13 9.78
CA GLU A 110 -6.21 -17.94 8.58
CA GLU A 110 -6.57 -18.04 8.84
C GLU A 110 -7.73 -17.99 8.49
C GLU A 110 -8.10 -17.88 8.87
N ASN A 111 -8.41 -17.85 9.62
N ASN A 111 -8.69 -17.67 10.04
CA ASN A 111 -9.86 -17.74 9.61
CA ASN A 111 -10.13 -17.41 10.08
C ASN A 111 -10.32 -16.40 9.04
C ASN A 111 -10.48 -16.12 9.37
N TYR A 112 -9.60 -15.31 9.35
N TYR A 112 -9.59 -15.13 9.42
CA TYR A 112 -9.83 -14.02 8.70
CA TYR A 112 -9.80 -13.89 8.69
C TYR A 112 -9.77 -14.17 7.19
C TYR A 112 -9.74 -14.11 7.17
N ILE A 113 -8.75 -14.88 6.70
CA ILE A 113 -8.69 -15.21 5.27
C ILE A 113 -9.92 -16.02 4.85
N ASP A 114 -10.29 -17.03 5.65
CA ASP A 114 -11.43 -17.86 5.29
C ASP A 114 -12.70 -17.03 5.14
N GLN A 115 -12.90 -16.06 6.04
N GLN A 115 -12.89 -16.05 6.02
CA GLN A 115 -14.07 -15.20 5.95
CA GLN A 115 -14.09 -15.21 5.94
C GLN A 115 -14.04 -14.35 4.69
C GLN A 115 -14.06 -14.29 4.73
N ILE A 116 -12.86 -13.85 4.34
CA ILE A 116 -12.70 -13.06 3.12
C ILE A 116 -12.99 -13.92 1.89
N VAL A 117 -12.42 -15.12 1.85
CA VAL A 117 -12.66 -16.05 0.74
C VAL A 117 -14.15 -16.35 0.61
N ALA A 118 -14.83 -16.55 1.76
CA ALA A 118 -16.25 -16.89 1.73
C ALA A 118 -17.09 -15.75 1.16
N GLN A 119 -16.68 -14.50 1.36
CA GLN A 119 -17.35 -13.38 0.69
C GLN A 119 -17.08 -13.40 -0.80
N ILE A 120 -15.80 -13.52 -1.19
CA ILE A 120 -15.40 -13.43 -2.58
C ILE A 120 -16.06 -14.52 -3.42
N GLN A 121 -16.19 -15.71 -2.83
N GLN A 121 -16.20 -15.74 -2.87
CA GLN A 121 -16.77 -16.88 -3.49
CA GLN A 121 -16.82 -16.79 -3.70
C GLN A 121 -18.19 -16.61 -3.95
C GLN A 121 -18.24 -16.44 -4.13
N GLN A 122 -18.91 -15.72 -3.28
N GLN A 122 -18.96 -15.66 -3.33
CA GLN A 122 -20.31 -15.47 -3.59
CA GLN A 122 -20.35 -15.37 -3.63
C GLN A 122 -20.50 -14.53 -4.75
C GLN A 122 -20.51 -14.52 -4.88
N PHE A 123 -19.44 -13.93 -5.28
N PHE A 123 -19.47 -13.80 -5.28
CA PHE A 123 -19.53 -12.90 -6.32
CA PHE A 123 -19.57 -12.85 -6.40
C PHE A 123 -18.52 -13.15 -7.42
C PHE A 123 -18.50 -13.17 -7.42
N PRO A 124 -18.66 -14.29 -8.13
CA PRO A 124 -17.65 -14.66 -9.13
C PRO A 124 -17.58 -13.72 -10.31
N ASP A 125 -18.60 -12.91 -10.54
CA ASP A 125 -18.61 -11.95 -11.64
CA ASP A 125 -18.56 -11.98 -11.66
C ASP A 125 -17.84 -10.67 -11.34
N VAL A 126 -17.29 -10.53 -10.14
CA VAL A 126 -16.53 -9.36 -9.75
C VAL A 126 -15.07 -9.76 -9.64
N ARG A 127 -14.19 -9.03 -10.31
CA ARG A 127 -12.77 -9.28 -10.16
C ARG A 127 -12.26 -8.59 -8.89
N VAL A 128 -11.35 -9.25 -8.19
CA VAL A 128 -10.70 -8.69 -7.02
C VAL A 128 -9.20 -8.62 -7.28
N VAL A 129 -8.61 -7.46 -7.00
CA VAL A 129 -7.16 -7.29 -6.94
C VAL A 129 -6.79 -6.99 -5.50
N ALA A 130 -5.86 -7.76 -4.94
CA ALA A 130 -5.45 -7.62 -3.55
C ALA A 130 -3.95 -7.36 -3.45
N VAL A 131 -3.59 -6.37 -2.65
CA VAL A 131 -2.23 -6.21 -2.17
C VAL A 131 -2.09 -7.02 -0.89
N ILE A 132 -1.07 -7.86 -0.82
CA ILE A 132 -0.90 -8.79 0.28
C ILE A 132 0.11 -8.25 1.29
N GLU A 133 -0.42 -7.87 2.45
CA GLU A 133 0.32 -7.61 3.70
C GLU A 133 1.50 -6.64 3.59
N PRO A 134 1.21 -5.36 3.33
N PRO A 134 1.21 -5.33 3.50
CA PRO A 134 2.24 -4.33 3.33
CA PRO A 134 2.28 -4.33 3.59
C PRO A 134 3.23 -4.46 4.47
C PRO A 134 3.12 -4.51 4.85
N ASP A 135 4.51 -4.31 4.12
N ASP A 135 4.42 -4.26 4.69
CA ASP A 135 5.66 -4.28 5.01
CA ASP A 135 5.39 -4.33 5.80
C ASP A 135 6.16 -5.65 5.47
C ASP A 135 5.41 -5.70 6.46
N SER A 136 5.31 -6.68 5.46
N SER A 136 5.38 -6.75 5.65
CA SER A 136 5.65 -7.93 6.15
CA SER A 136 5.50 -8.12 6.12
C SER A 136 6.88 -8.60 5.54
C SER A 136 6.75 -8.79 5.57
N LEU A 137 6.82 -8.93 4.24
CA LEU A 137 7.94 -9.64 3.62
C LEU A 137 9.19 -8.76 3.59
N ALA A 138 9.03 -7.45 3.39
CA ALA A 138 10.19 -6.57 3.40
C ALA A 138 10.90 -6.62 4.75
N ASN A 139 10.14 -6.68 5.84
CA ASN A 139 10.73 -6.84 7.17
C ASN A 139 11.50 -8.16 7.29
N LEU A 140 11.00 -9.22 6.66
CA LEU A 140 11.72 -10.49 6.70
C LEU A 140 12.99 -10.47 5.86
N VAL A 141 13.10 -9.56 4.89
N VAL A 141 13.23 -9.37 5.13
CA VAL A 141 14.34 -9.48 4.13
CA VAL A 141 14.49 -9.15 4.43
C VAL A 141 15.43 -8.79 4.95
C VAL A 141 15.46 -8.33 5.28
N THR A 142 15.12 -7.62 5.50
N THR A 142 15.14 -7.06 5.53
CA THR A 142 16.14 -6.74 6.08
CA THR A 142 16.09 -6.19 6.22
C THR A 142 16.12 -6.62 7.61
C THR A 142 15.96 -6.20 7.73
N ASN A 143 15.02 -6.96 8.29
CA ASN A 143 14.85 -6.75 9.72
CA ASN A 143 14.76 -6.78 9.71
C ASN A 143 14.79 -8.04 10.55
N LEU A 144 15.47 -9.10 10.12
CA LEU A 144 15.47 -10.31 10.93
C LEU A 144 16.20 -10.13 12.26
N ASN A 145 17.03 -9.10 12.39
CA ASN A 145 17.64 -8.83 13.68
CA ASN A 145 17.65 -8.79 13.67
C ASN A 145 16.67 -8.15 14.65
N VAL A 146 15.55 -7.61 14.15
CA VAL A 146 14.51 -7.10 15.04
C VAL A 146 13.80 -8.30 15.64
N GLN A 147 13.90 -8.45 16.96
CA GLN A 147 13.44 -9.69 17.58
C GLN A 147 11.96 -9.95 17.36
N LYS A 148 11.13 -8.89 17.35
CA LYS A 148 9.72 -9.10 17.06
C LYS A 148 9.52 -9.68 15.66
N CYS A 149 10.32 -9.23 14.70
CA CYS A 149 10.24 -9.79 13.36
C CYS A 149 10.76 -11.23 13.33
N ALA A 150 11.92 -11.47 13.95
CA ALA A 150 12.47 -12.82 13.98
C ALA A 150 11.48 -13.79 14.60
N ASN A 151 10.85 -13.40 15.69
CA ASN A 151 9.91 -14.29 16.37
C ASN A 151 8.60 -14.42 15.61
N ALA A 152 8.30 -13.50 14.70
CA ALA A 152 7.12 -13.57 13.87
C ALA A 152 7.36 -14.25 12.52
N LYS A 153 8.61 -14.59 12.19
CA LYS A 153 8.93 -15.00 10.83
C LYS A 153 8.11 -16.20 10.38
N THR A 154 8.07 -17.28 11.20
CA THR A 154 7.33 -18.45 10.75
C THR A 154 5.84 -18.14 10.61
N THR A 155 5.31 -17.31 11.52
CA THR A 155 3.90 -16.94 11.46
C THR A 155 3.61 -16.09 10.23
N TYR A 156 4.48 -15.12 9.94
CA TYR A 156 4.29 -14.30 8.76
C TYR A 156 4.28 -15.15 7.50
N LEU A 157 5.28 -16.03 7.37
CA LEU A 157 5.38 -16.82 6.16
C LEU A 157 4.21 -17.78 6.03
N ALA A 158 3.79 -18.39 7.13
CA ALA A 158 2.65 -19.30 7.09
C ALA A 158 1.38 -18.56 6.73
N SER A 159 1.21 -17.36 7.30
CA SER A 159 -0.03 -16.61 7.11
C SER A 159 -0.10 -16.04 5.70
N VAL A 160 0.99 -15.44 5.23
CA VAL A 160 1.04 -14.98 3.85
C VAL A 160 0.80 -16.13 2.88
N ASN A 161 1.43 -17.28 3.14
CA ASN A 161 1.20 -18.43 2.28
C ASN A 161 -0.26 -18.87 2.29
N TYR A 162 -0.89 -18.86 3.46
N TYR A 162 -0.89 -18.85 3.47
CA TYR A 162 -2.29 -19.25 3.52
CA TYR A 162 -2.29 -19.23 3.59
C TYR A 162 -3.16 -18.28 2.73
C TYR A 162 -3.19 -18.27 2.80
N ALA A 163 -2.88 -16.99 2.85
CA ALA A 163 -3.62 -15.98 2.09
C ALA A 163 -3.47 -16.20 0.59
N LEU A 164 -2.22 -16.36 0.11
CA LEU A 164 -2.01 -16.54 -1.32
C LEU A 164 -2.67 -17.82 -1.81
N THR A 165 -2.50 -18.90 -1.06
CA THR A 165 -2.99 -20.20 -1.49
C THR A 165 -4.50 -20.21 -1.57
N ASN A 166 -5.17 -19.61 -0.59
CA ASN A 166 -6.62 -19.68 -0.55
C ASN A 166 -7.32 -18.59 -1.33
N LEU A 167 -6.76 -17.37 -1.39
CA LEU A 167 -7.34 -16.37 -2.28
C LEU A 167 -7.21 -16.78 -3.75
N ALA A 168 -6.15 -17.52 -4.10
CA ALA A 168 -6.03 -18.02 -5.46
C ALA A 168 -7.19 -18.94 -5.84
N LYS A 169 -7.73 -19.69 -4.87
CA LYS A 169 -8.83 -20.62 -5.16
C LYS A 169 -10.10 -19.92 -5.59
N VAL A 170 -10.24 -18.63 -5.27
CA VAL A 170 -11.39 -17.84 -5.71
C VAL A 170 -10.97 -16.80 -6.74
N GLY A 171 -9.81 -16.98 -7.37
CA GLY A 171 -9.45 -16.22 -8.55
C GLY A 171 -9.02 -14.79 -8.31
N VAL A 172 -8.56 -14.48 -7.11
CA VAL A 172 -8.11 -13.13 -6.76
C VAL A 172 -6.74 -12.88 -7.35
N TYR A 173 -6.59 -11.76 -8.06
CA TYR A 173 -5.28 -11.36 -8.57
C TYR A 173 -4.51 -10.64 -7.47
N MET A 174 -3.26 -11.05 -7.25
CA MET A 174 -2.53 -10.65 -6.05
C MET A 174 -1.17 -10.06 -6.38
N TYR A 175 -0.83 -9.01 -5.65
CA TYR A 175 0.49 -8.39 -5.66
C TYR A 175 0.99 -8.41 -4.22
N MET A 176 2.09 -9.14 -3.98
N MET A 176 2.08 -9.14 -3.97
CA MET A 176 2.69 -9.17 -2.64
CA MET A 176 2.62 -9.18 -2.62
C MET A 176 3.37 -7.83 -2.39
C MET A 176 3.41 -7.91 -2.35
N ASP A 177 3.20 -7.30 -1.19
CA ASP A 177 3.93 -6.10 -0.87
C ASP A 177 5.44 -6.33 -0.91
N ALA A 178 6.16 -5.36 -1.47
CA ALA A 178 7.60 -5.48 -1.65
C ALA A 178 8.32 -4.18 -1.28
N GLY A 179 7.85 -3.50 -0.25
CA GLY A 179 8.60 -2.32 0.20
C GLY A 179 8.69 -1.25 -0.87
N HIS A 180 9.87 -0.63 -0.99
CA HIS A 180 10.07 0.46 -1.92
C HIS A 180 11.56 0.56 -2.22
N ALA A 181 11.92 1.49 -3.11
CA ALA A 181 13.31 1.60 -3.57
C ALA A 181 14.29 1.84 -2.43
N GLY A 182 13.89 2.57 -1.40
CA GLY A 182 14.75 2.87 -0.28
C GLY A 182 14.80 1.81 0.77
N TRP A 183 14.03 0.74 0.56
CA TRP A 183 13.99 -0.38 1.48
C TRP A 183 14.64 -1.60 0.83
N LEU A 184 14.01 -2.16 -0.21
CA LEU A 184 14.53 -3.34 -0.89
C LEU A 184 15.26 -3.02 -2.19
N GLY A 185 15.26 -1.75 -2.61
CA GLY A 185 15.87 -1.39 -3.88
C GLY A 185 17.36 -1.20 -3.84
N TRP A 186 17.95 -1.02 -2.65
CA TRP A 186 19.39 -1.04 -2.53
C TRP A 186 19.93 -2.24 -3.29
N PRO A 187 20.91 -2.07 -4.16
CA PRO A 187 21.43 -3.22 -4.93
C PRO A 187 21.71 -4.43 -4.05
N ALA A 188 22.25 -4.21 -2.85
CA ALA A 188 22.60 -5.31 -1.97
C ALA A 188 21.37 -6.10 -1.50
N ASN A 189 20.21 -5.46 -1.45
CA ASN A 189 19.02 -6.15 -0.97
C ASN A 189 18.22 -6.83 -2.07
N LEU A 190 18.55 -6.58 -3.35
CA LEU A 190 17.73 -7.09 -4.45
C LEU A 190 17.67 -8.60 -4.44
N SER A 191 18.84 -9.25 -4.36
CA SER A 191 18.85 -10.71 -4.42
C SER A 191 18.25 -11.35 -3.19
N PRO A 192 18.58 -10.93 -1.95
CA PRO A 192 17.85 -11.46 -0.80
C PRO A 192 16.34 -11.33 -0.93
N ALA A 193 15.89 -10.18 -1.45
CA ALA A 193 14.47 -9.98 -1.67
C ALA A 193 13.92 -10.96 -2.71
N ALA A 194 14.59 -11.03 -3.87
CA ALA A 194 14.13 -11.94 -4.91
C ALA A 194 14.07 -13.37 -4.41
N GLN A 195 15.06 -13.79 -3.62
CA GLN A 195 15.08 -15.16 -3.14
C GLN A 195 13.89 -15.42 -2.22
N LEU A 196 13.56 -14.47 -1.35
CA LEU A 196 12.41 -14.65 -0.47
C LEU A 196 11.10 -14.64 -1.25
N PHE A 197 10.93 -13.66 -2.15
N PHE A 197 10.92 -13.66 -2.14
CA PHE A 197 9.70 -13.62 -2.94
CA PHE A 197 9.65 -13.51 -2.84
C PHE A 197 9.54 -14.88 -3.76
C PHE A 197 9.38 -14.71 -3.75
N THR A 198 10.64 -15.40 -4.31
N THR A 198 10.40 -15.21 -4.45
CA THR A 198 10.58 -16.65 -5.08
CA THR A 198 10.23 -16.38 -5.30
C THR A 198 10.09 -17.79 -4.20
C THR A 198 9.92 -17.62 -4.48
N GLN A 199 10.65 -17.92 -2.99
N GLN A 199 10.53 -17.74 -3.29
CA GLN A 199 10.24 -19.00 -2.10
CA GLN A 199 10.22 -18.86 -2.40
C GLN A 199 8.77 -18.89 -1.75
C GLN A 199 8.77 -18.83 -1.97
N VAL A 200 8.29 -17.66 -1.51
CA VAL A 200 6.88 -17.47 -1.18
C VAL A 200 5.99 -17.85 -2.36
N TRP A 201 6.37 -17.42 -3.55
CA TRP A 201 5.63 -17.75 -4.77
C TRP A 201 5.61 -19.27 -4.99
N GLN A 202 6.77 -19.94 -4.84
N GLN A 202 6.77 -19.93 -4.82
CA GLN A 202 6.83 -21.40 -4.98
CA GLN A 202 6.85 -21.38 -4.97
C GLN A 202 5.94 -22.08 -3.96
C GLN A 202 5.98 -22.10 -3.95
N ASN A 203 5.98 -21.61 -2.71
CA ASN A 203 5.23 -22.27 -1.65
C ASN A 203 3.73 -22.20 -1.91
N ALA A 204 3.29 -21.13 -2.58
CA ALA A 204 1.89 -20.96 -2.96
C ALA A 204 1.58 -21.54 -4.33
N GLY A 205 2.47 -22.38 -4.85
CA GLY A 205 2.20 -23.12 -6.07
C GLY A 205 2.40 -22.38 -7.37
N LYS A 206 3.09 -21.24 -7.34
N LYS A 206 3.19 -21.30 -7.37
CA LYS A 206 3.35 -20.46 -8.55
CA LYS A 206 3.35 -20.45 -8.53
C LYS A 206 2.04 -20.06 -9.24
C LYS A 206 2.03 -20.17 -9.23
N SER A 207 1.01 -19.83 -8.45
CA SER A 207 -0.32 -19.63 -9.02
C SER A 207 -0.30 -18.51 -10.04
N PRO A 208 -0.96 -18.67 -11.19
CA PRO A 208 -1.05 -17.57 -12.15
C PRO A 208 -1.72 -16.34 -11.59
N PHE A 209 -2.50 -16.48 -10.51
CA PHE A 209 -3.14 -15.34 -9.89
C PHE A 209 -2.16 -14.50 -9.07
N ILE A 210 -0.98 -15.02 -8.74
CA ILE A 210 0.02 -14.24 -8.02
C ILE A 210 0.83 -13.50 -9.10
N LYS A 211 0.36 -12.29 -9.41
CA LYS A 211 0.88 -11.54 -10.54
C LYS A 211 2.30 -11.05 -10.28
N GLY A 212 2.59 -10.65 -9.05
CA GLY A 212 3.86 -10.02 -8.76
C GLY A 212 3.82 -9.27 -7.46
N LEU A 213 4.31 -8.03 -7.50
CA LEU A 213 4.67 -7.27 -6.31
C LEU A 213 4.09 -5.87 -6.36
N ALA A 214 3.82 -5.30 -5.18
CA ALA A 214 3.40 -3.91 -5.04
C ALA A 214 4.52 -3.14 -4.36
N THR A 215 4.77 -1.92 -4.81
CA THR A 215 5.84 -1.11 -4.24
C THR A 215 5.33 0.28 -3.87
N ASN A 216 6.07 0.90 -2.95
CA ASN A 216 5.84 2.27 -2.49
C ASN A 216 4.55 2.43 -1.69
N VAL A 217 3.95 1.33 -1.23
N VAL A 217 3.97 1.35 -1.16
CA VAL A 217 2.68 1.43 -0.53
CA VAL A 217 2.76 1.48 -0.37
C VAL A 217 2.86 2.24 0.74
C VAL A 217 3.03 2.37 0.84
N ALA A 218 2.04 3.27 0.89
N ALA A 218 2.14 3.36 1.04
CA ALA A 218 2.10 4.17 2.04
CA ALA A 218 2.17 4.25 2.20
C ALA A 218 3.42 4.92 2.11
C ALA A 218 3.32 5.25 2.18
N ASN A 219 4.16 4.99 1.00
N ASN A 219 4.25 5.13 1.24
CA ASN A 219 5.38 5.78 0.97
CA ASN A 219 5.39 6.02 1.22
C ASN A 219 5.24 6.91 -0.05
C ASN A 219 5.17 7.15 0.21
N TYR A 220 6.36 7.58 -0.33
N TYR A 220 6.27 7.74 -0.30
CA TYR A 220 6.38 8.90 -0.93
CA TYR A 220 6.17 8.93 -1.13
C TYR A 220 7.35 8.99 -2.10
C TYR A 220 7.24 8.98 -2.23
N ASN A 221 7.90 7.87 -2.56
CA ASN A 221 8.94 7.89 -3.56
C ASN A 221 8.35 8.25 -4.93
N ALA A 222 9.20 8.80 -5.79
CA ALA A 222 8.82 8.97 -7.19
C ALA A 222 8.83 7.63 -7.90
N LEU A 223 7.94 7.47 -8.86
CA LEU A 223 8.10 6.41 -9.84
C LEU A 223 9.30 6.70 -10.73
N GLN A 224 9.37 7.91 -11.29
N GLN A 224 9.36 7.92 -11.28
CA GLN A 224 10.49 8.32 -12.13
CA GLN A 224 10.46 8.35 -12.13
C GLN A 224 10.87 9.74 -11.76
C GLN A 224 10.84 9.77 -11.72
N ALA A 225 12.07 9.91 -11.21
N ALA A 225 12.15 10.03 -11.66
CA ALA A 225 12.58 11.23 -10.86
CA ALA A 225 12.63 11.35 -11.26
C ALA A 225 13.64 11.65 -11.87
C ALA A 225 13.92 11.66 -11.99
N ALA A 226 13.50 12.86 -12.42
N ALA A 226 13.99 12.88 -12.57
CA ALA A 226 14.51 13.39 -13.34
CA ALA A 226 15.19 13.30 -13.27
C ALA A 226 15.84 13.57 -12.64
C ALA A 226 16.35 13.47 -12.30
N SER A 227 15.82 14.06 -11.40
N SER A 227 16.21 14.37 -11.32
CA SER A 227 16.99 14.15 -10.55
CA SER A 227 17.23 14.57 -10.31
C SER A 227 16.71 13.40 -9.25
C SER A 227 16.83 13.87 -9.03
N PRO A 228 17.67 12.62 -8.75
N PRO A 228 17.65 12.95 -8.52
CA PRO A 228 17.42 11.86 -7.52
CA PRO A 228 17.24 12.17 -7.35
C PRO A 228 17.05 12.77 -6.37
C PRO A 228 17.08 13.02 -6.10
N ASP A 229 16.08 12.35 -5.57
N ASP A 229 16.24 12.54 -5.19
CA ASP A 229 15.82 13.00 -4.30
CA ASP A 229 16.10 13.17 -3.89
C ASP A 229 17.10 12.91 -3.47
C ASP A 229 17.40 12.96 -3.10
N PRO A 230 17.55 14.02 -2.86
N PRO A 230 17.91 14.01 -2.43
CA PRO A 230 18.84 13.98 -2.14
CA PRO A 230 19.18 13.86 -1.70
C PRO A 230 18.89 12.92 -1.03
C PRO A 230 19.16 12.81 -0.62
N ILE A 231 17.75 12.46 -0.53
N ILE A 231 18.00 12.43 -0.10
CA ILE A 231 17.74 11.44 0.52
CA ILE A 231 17.94 11.37 0.90
C ILE A 231 18.28 10.10 0.04
C ILE A 231 18.30 10.00 0.33
N THR A 232 18.40 9.90 -1.27
N THR A 232 18.46 9.89 -0.98
CA THR A 232 18.74 8.59 -1.84
CA THR A 232 18.76 8.63 -1.64
C THR A 232 20.23 8.34 -1.96
C THR A 232 20.26 8.40 -1.81
N GLN A 233 21.08 9.28 -1.50
N GLN A 233 21.09 9.03 -0.96
CA GLN A 233 22.53 9.15 -1.64
CA GLN A 233 22.53 8.94 -1.10
C GLN A 233 22.99 7.77 -1.22
C GLN A 233 23.01 7.51 -0.90
N GLY A 234 23.78 7.14 -2.09
N GLY A 234 23.84 7.03 -1.83
CA GLY A 234 24.33 5.84 -1.81
CA GLY A 234 24.38 5.69 -1.76
C GLY A 234 23.61 4.70 -2.49
C GLY A 234 23.61 4.64 -2.54
N ASN A 235 22.38 4.95 -2.96
CA ASN A 235 21.54 3.96 -3.62
C ASN A 235 21.34 4.38 -5.08
N PRO A 236 21.91 3.68 -6.06
CA PRO A 236 21.64 4.04 -7.46
C PRO A 236 20.20 3.85 -7.87
N ASN A 237 19.43 3.05 -7.13
CA ASN A 237 18.02 2.85 -7.44
C ASN A 237 17.21 3.84 -6.62
N TYR A 238 17.18 5.08 -7.13
CA TYR A 238 16.68 6.23 -6.37
C TYR A 238 15.19 6.47 -6.55
N ASP A 239 14.54 5.70 -7.42
CA ASP A 239 13.10 5.81 -7.63
C ASP A 239 12.54 4.42 -7.88
N GLU A 240 11.21 4.33 -7.93
CA GLU A 240 10.62 3.00 -8.02
C GLU A 240 10.92 2.33 -9.36
N ILE A 241 11.02 3.09 -10.46
CA ILE A 241 11.30 2.44 -11.73
C ILE A 241 12.68 1.81 -11.72
N HIS A 242 13.67 2.46 -11.10
CA HIS A 242 15.00 1.84 -11.01
C HIS A 242 14.95 0.56 -10.18
N TYR A 243 14.23 0.60 -9.05
CA TYR A 243 14.10 -0.58 -8.21
C TYR A 243 13.47 -1.73 -8.98
N ILE A 244 12.34 -1.46 -9.62
CA ILE A 244 11.62 -2.51 -10.33
C ILE A 244 12.43 -3.04 -11.50
N ASN A 245 13.08 -2.15 -12.25
N ASN A 245 13.08 -2.15 -12.26
CA ASN A 245 13.92 -2.58 -13.36
CA ASN A 245 13.94 -2.60 -13.35
C ASN A 245 15.03 -3.52 -12.90
C ASN A 245 15.22 -3.24 -12.83
N ALA A 246 15.53 -3.30 -11.69
N ALA A 246 15.54 -3.05 -11.55
CA ALA A 246 16.63 -4.10 -11.17
CA ALA A 246 16.67 -3.75 -10.92
C ALA A 246 16.13 -5.41 -10.57
C ALA A 246 16.25 -4.96 -10.13
N LEU A 247 14.97 -5.40 -9.93
N LEU A 247 14.96 -5.11 -9.83
CA LEU A 247 14.48 -6.60 -9.26
CA LEU A 247 14.45 -6.27 -9.10
C LEU A 247 13.83 -7.58 -10.23
C LEU A 247 13.77 -7.29 -10.00
N ALA A 248 13.04 -7.08 -11.18
N ALA A 248 12.95 -6.84 -10.95
CA ALA A 248 12.26 -7.96 -12.05
CA ALA A 248 12.14 -7.76 -11.74
C ALA A 248 13.09 -9.02 -12.76
C ALA A 248 12.94 -8.83 -12.50
N PRO A 249 14.25 -8.73 -13.35
N PRO A 249 14.08 -8.55 -13.13
CA PRO A 249 15.02 -9.80 -14.01
CA PRO A 249 14.80 -9.61 -13.85
C PRO A 249 15.45 -10.90 -13.06
C PRO A 249 15.16 -10.82 -12.99
N LEU A 250 15.67 -10.58 -11.78
CA LEU A 250 16.03 -11.65 -10.85
C LEU A 250 14.87 -12.61 -10.65
N LEU A 251 13.65 -12.07 -10.55
CA LEU A 251 12.48 -12.92 -10.47
C LEU A 251 12.31 -13.74 -11.75
N GLN A 252 12.49 -13.10 -12.92
CA GLN A 252 12.40 -13.83 -14.19
C GLN A 252 13.37 -15.01 -14.24
N GLN A 253 14.61 -14.80 -13.80
CA GLN A 253 15.58 -15.89 -13.85
C GLN A 253 15.27 -17.00 -12.86
N ALA A 254 14.49 -16.70 -11.82
CA ALA A 254 13.99 -17.73 -10.91
C ALA A 254 12.70 -18.38 -11.42
N GLY A 255 12.21 -17.97 -12.59
CA GLY A 255 11.04 -18.58 -13.20
C GLY A 255 9.76 -17.77 -13.13
N TRP A 256 9.75 -16.63 -12.44
CA TRP A 256 8.54 -15.85 -12.21
C TRP A 256 8.61 -14.56 -13.01
N ASP A 257 7.80 -14.48 -14.06
N ASP A 257 7.82 -14.49 -14.08
CA ASP A 257 7.71 -13.28 -14.88
CA ASP A 257 7.72 -13.26 -14.87
C ASP A 257 6.80 -12.27 -14.18
C ASP A 257 6.78 -12.29 -14.16
N ALA A 258 7.28 -11.78 -13.05
CA ALA A 258 6.46 -10.97 -12.17
C ALA A 258 6.20 -9.59 -12.74
N THR A 259 4.99 -9.07 -12.52
CA THR A 259 4.69 -7.68 -12.82
C THR A 259 4.35 -6.94 -11.53
N PHE A 260 4.21 -5.63 -11.65
CA PHE A 260 4.25 -4.78 -10.48
C PHE A 260 3.14 -3.73 -10.53
N ILE A 261 2.74 -3.28 -9.34
CA ILE A 261 1.94 -2.07 -9.20
C ILE A 261 2.67 -1.14 -8.25
N VAL A 262 2.54 0.15 -8.48
CA VAL A 262 3.29 1.16 -7.74
C VAL A 262 2.34 2.21 -7.18
N ASP A 263 2.35 2.37 -5.85
CA ASP A 263 1.56 3.42 -5.21
C ASP A 263 2.19 4.76 -5.55
N GLN A 264 1.37 5.69 -6.06
CA GLN A 264 1.77 7.07 -6.25
C GLN A 264 0.82 8.05 -5.57
N GLY A 265 -0.07 7.55 -4.71
CA GLY A 265 -1.09 8.39 -4.13
C GLY A 265 -0.57 9.54 -3.29
N LYS A 266 0.64 9.41 -2.73
CA LYS A 266 1.21 10.46 -1.90
C LYS A 266 2.56 10.93 -2.44
N SER A 267 2.76 10.80 -3.75
N SER A 267 2.78 10.82 -3.74
CA SER A 267 4.06 11.04 -4.38
CA SER A 267 4.08 11.15 -4.31
C SER A 267 4.09 12.27 -5.28
C SER A 267 4.14 12.55 -4.95
N GLY A 268 3.06 13.11 -5.25
N GLY A 268 3.09 13.37 -4.78
CA GLY A 268 3.03 14.28 -6.11
CA GLY A 268 2.99 14.61 -5.53
C GLY A 268 4.10 15.30 -5.78
C GLY A 268 4.03 15.66 -5.16
N VAL A 269 4.61 15.31 -4.56
N VAL A 269 4.48 15.67 -3.91
CA VAL A 269 5.62 16.25 -4.12
CA VAL A 269 5.46 16.65 -3.45
C VAL A 269 6.86 15.47 -3.68
C VAL A 269 6.70 15.89 -2.99
N GLN A 270 7.94 15.64 -4.42
N GLN A 270 7.83 16.17 -3.62
CA GLN A 270 9.22 15.00 -4.14
CA GLN A 270 9.10 15.55 -3.29
C GLN A 270 10.12 15.97 -3.37
C GLN A 270 9.92 16.51 -2.43
N ASN A 271 11.23 15.43 -2.85
N ASN A 271 11.08 16.05 -1.97
CA ASN A 271 12.28 16.25 -2.25
CA ASN A 271 11.99 16.84 -1.15
C ASN A 271 11.80 17.02 -1.03
C ASN A 271 11.31 17.35 0.13
N ILE A 272 11.01 16.35 -0.18
N ILE A 272 10.59 16.44 0.81
CA ILE A 272 10.45 16.97 1.01
CA ILE A 272 9.88 16.75 2.03
C ILE A 272 10.81 16.25 2.30
C ILE A 272 10.37 15.98 3.25
N ARG A 273 11.69 15.25 2.25
N ARG A 273 11.38 15.12 3.08
CA ARG A 273 12.07 14.52 3.44
CA ARG A 273 11.97 14.38 4.18
C ARG A 273 13.50 14.85 3.85
C ARG A 273 13.45 14.73 4.34
N GLN A 274 13.71 14.89 5.16
N GLN A 274 13.91 14.72 5.59
CA GLN A 274 15.06 15.00 5.67
CA GLN A 274 15.34 14.86 5.86
C GLN A 274 15.87 13.75 5.40
C GLN A 274 16.08 13.54 5.77
N GLN A 275 15.28 12.58 5.59
N GLN A 275 15.34 12.42 5.81
CA GLN A 275 15.97 11.31 5.48
CA GLN A 275 15.93 11.09 5.79
C GLN A 275 15.00 10.31 4.85
C GLN A 275 14.99 10.19 5.01
N TRP A 276 15.56 9.33 4.14
CA TRP A 276 14.72 8.43 3.36
C TRP A 276 13.80 7.61 4.23
N GLY A 277 14.26 7.22 5.42
CA GLY A 277 13.51 6.41 6.35
C GLY A 277 12.37 7.13 7.07
N ASP A 278 12.14 8.42 6.78
N ASP A 278 12.11 8.40 6.79
CA ASP A 278 11.03 9.16 7.36
CA ASP A 278 11.03 9.11 7.45
C ASP A 278 9.77 8.78 6.58
C ASP A 278 9.72 8.89 6.69
N TRP A 279 8.93 7.92 7.18
N TRP A 279 8.73 8.31 7.36
CA TRP A 279 7.74 7.41 6.51
CA TRP A 279 7.48 7.95 6.68
C TRP A 279 6.44 7.94 7.07
C TRP A 279 6.21 8.41 7.39
N CYS A 280 6.46 8.70 8.15
N CYS A 280 6.24 8.56 8.71
CA CYS A 280 5.24 8.99 8.89
CA CYS A 280 5.02 8.83 9.47
C CYS A 280 4.72 10.40 8.62
C CYS A 280 4.52 10.24 9.21
N ASN A 281 3.55 10.49 8.00
N ASN A 281 3.41 10.35 8.47
CA ASN A 281 2.79 11.75 7.86
CA ASN A 281 2.70 11.60 8.19
C ASN A 281 3.67 12.89 7.35
C ASN A 281 3.64 12.75 7.84
N ILE A 282 4.36 12.65 6.23
N ILE A 282 4.33 12.65 6.72
CA ILE A 282 5.34 13.61 5.73
CA ILE A 282 5.28 13.69 6.33
C ILE A 282 4.67 14.92 5.32
C ILE A 282 4.52 14.95 5.96
N LYS A 283 5.14 16.03 5.88
N LYS A 283 4.79 16.04 6.68
CA LYS A 283 4.50 17.32 5.72
CA LYS A 283 4.16 17.32 6.38
C LYS A 283 4.70 17.86 4.31
C LYS A 283 4.44 17.74 4.95
N GLY A 284 3.63 18.40 3.73
N GLY A 284 3.43 18.29 4.30
CA GLY A 284 3.70 18.97 2.40
CA GLY A 284 3.59 18.83 2.96
C GLY A 284 3.50 17.97 1.29
C GLY A 284 3.78 17.80 1.85
N ALA A 285 3.23 16.71 1.62
N ALA A 285 2.91 16.81 1.78
CA ALA A 285 2.95 15.73 0.59
CA ALA A 285 2.88 15.86 0.67
C ALA A 285 1.70 16.12 -0.19
C ALA A 285 1.67 16.16 -0.19
N GLY A 286 1.70 15.73 -1.45
CA GLY A 286 0.56 15.94 -2.33
C GLY A 286 0.17 14.67 -3.04
N PHE A 287 -1.11 14.62 -3.41
CA PHE A 287 -1.56 13.51 -4.25
C PHE A 287 -0.73 13.48 -5.53
N GLY A 288 -0.38 12.28 -5.99
CA GLY A 288 0.48 12.11 -7.13
C GLY A 288 -0.24 11.63 -8.38
N THR A 289 0.53 11.01 -9.27
CA THR A 289 0.02 10.54 -10.55
C THR A 289 -1.22 9.69 -10.34
N ARG A 290 -2.26 9.98 -11.12
CA ARG A 290 -3.51 9.25 -10.98
CA ARG A 290 -3.51 9.25 -10.98
C ARG A 290 -3.32 7.80 -11.44
N PRO A 291 -4.06 6.87 -10.85
CA PRO A 291 -3.96 5.47 -11.27
C PRO A 291 -4.13 5.32 -12.78
N THR A 292 -3.29 4.48 -13.38
CA THR A 292 -3.33 4.26 -14.83
C THR A 292 -2.52 3.02 -15.17
N THR A 293 -2.96 2.32 -16.21
CA THR A 293 -2.19 1.22 -16.76
C THR A 293 -1.18 1.70 -17.79
N ASN A 294 -1.10 3.00 -18.05
CA ASN A 294 -0.07 3.58 -18.93
C ASN A 294 1.12 3.92 -18.04
N THR A 295 1.99 2.95 -17.81
CA THR A 295 2.95 3.00 -16.73
C THR A 295 4.36 3.35 -17.16
N GLY A 296 4.68 3.26 -18.45
CA GLY A 296 6.02 3.50 -18.91
C GLY A 296 7.01 2.39 -18.66
N SER A 297 6.55 1.18 -18.34
CA SER A 297 7.49 0.10 -18.06
C SER A 297 6.88 -1.27 -18.36
N GLN A 298 7.68 -2.12 -19.00
CA GLN A 298 7.27 -3.49 -19.28
C GLN A 298 6.86 -4.22 -18.01
N PHE A 299 7.41 -3.83 -16.86
CA PHE A 299 7.22 -4.59 -15.64
C PHE A 299 6.02 -4.13 -14.83
N ILE A 300 5.42 -2.99 -15.17
CA ILE A 300 4.43 -2.35 -14.29
C ILE A 300 3.05 -2.42 -14.93
N ASP A 301 2.15 -3.16 -14.26
CA ASP A 301 0.77 -3.29 -14.73
C ASP A 301 -0.03 -2.01 -14.48
N SER A 302 0.22 -1.33 -13.35
CA SER A 302 -0.56 -0.14 -13.05
C SER A 302 0.16 0.71 -12.02
N ILE A 303 0.05 2.03 -12.23
CA ILE A 303 0.18 2.98 -11.15
C ILE A 303 -1.14 2.95 -10.38
N VAL A 304 -1.07 2.95 -9.05
CA VAL A 304 -2.24 2.76 -8.19
C VAL A 304 -2.16 3.75 -7.04
N TRP A 305 -3.31 3.90 -6.34
CA TRP A 305 -3.36 4.61 -5.06
C TRP A 305 -3.74 3.56 -4.01
N VAL A 306 -2.74 3.06 -3.27
CA VAL A 306 -2.97 2.00 -2.32
C VAL A 306 -3.28 2.58 -0.93
N LYS A 307 -2.33 3.33 -0.36
CA LYS A 307 -2.61 4.03 0.88
C LYS A 307 -3.63 5.14 0.62
N PRO A 308 -4.72 5.23 1.38
CA PRO A 308 -5.71 6.28 1.12
C PRO A 308 -5.25 7.57 1.78
N GLY A 309 -4.78 8.52 0.97
CA GLY A 309 -4.23 9.75 1.51
C GLY A 309 -5.22 10.49 2.36
N GLY A 310 -4.80 10.89 3.55
CA GLY A 310 -5.66 11.47 4.56
C GLY A 310 -5.87 10.58 5.75
N GLU A 311 -5.72 9.27 5.59
CA GLU A 311 -5.70 8.37 6.73
C GLU A 311 -4.30 8.37 7.32
N SER A 312 -4.20 8.63 8.63
CA SER A 312 -2.90 8.83 9.26
C SER A 312 -1.99 7.61 9.12
N ASP A 313 -0.67 7.87 9.11
CA ASP A 313 0.34 6.83 9.16
C ASP A 313 0.67 6.41 10.58
N GLY A 314 0.23 7.17 11.57
CA GLY A 314 0.61 6.91 12.94
C GLY A 314 0.43 8.12 13.83
N THR A 315 0.19 7.85 15.10
CA THR A 315 -0.01 8.92 16.06
C THR A 315 1.30 9.57 16.45
N SER A 316 1.26 10.88 16.70
N SER A 316 1.23 10.88 16.72
CA SER A 316 2.40 11.58 17.25
CA SER A 316 2.35 11.59 17.32
C SER A 316 2.32 11.71 18.76
C SER A 316 2.30 11.61 18.84
N ASN A 317 1.37 11.02 19.39
N ASN A 317 1.20 11.15 19.44
CA ASN A 317 1.14 11.12 20.83
CA ASN A 317 1.04 11.12 20.90
C ASN A 317 1.96 10.05 21.54
C ASN A 317 2.06 10.17 21.53
N SER A 318 2.97 10.49 22.30
N SER A 318 3.02 10.73 22.26
CA SER A 318 3.86 9.55 22.98
CA SER A 318 4.10 9.93 22.82
C SER A 318 3.19 8.84 24.16
C SER A 318 3.64 8.98 23.92
N SER A 319 1.98 9.24 24.53
N SER A 319 2.37 9.06 24.35
CA SER A 319 1.22 8.47 25.52
CA SER A 319 1.84 8.19 25.39
C SER A 319 0.56 7.24 24.90
C SER A 319 0.99 7.04 24.84
N SER A 320 0.60 7.10 23.57
CA SER A 320 -0.10 5.98 22.95
C SER A 320 0.76 4.73 22.99
N PRO A 321 0.15 3.55 23.19
CA PRO A 321 0.91 2.30 23.03
C PRO A 321 1.40 2.09 21.62
N ARG A 322 0.88 2.82 20.63
CA ARG A 322 1.32 2.74 19.25
C ARG A 322 2.20 3.91 18.84
N TYR A 323 2.82 4.59 19.80
N TYR A 323 2.85 4.55 19.82
CA TYR A 323 3.68 5.72 19.45
CA TYR A 323 3.78 5.63 19.56
C TYR A 323 4.99 5.24 18.84
C TYR A 323 5.08 5.08 19.01
N ASP A 324 5.31 5.78 17.66
N ASP A 324 5.56 5.69 17.94
CA ASP A 324 6.58 5.56 16.99
CA ASP A 324 6.91 5.50 17.44
C ASP A 324 7.22 6.91 16.77
C ASP A 324 7.53 6.87 17.27
N SER A 325 8.46 7.08 17.23
N SER A 325 8.79 7.02 17.69
CA SER A 325 9.10 8.39 17.18
CA SER A 325 9.41 8.33 17.72
C SER A 325 9.30 8.89 15.74
C SER A 325 9.52 8.94 16.33
N THR A 326 9.20 8.01 14.73
N THR A 326 9.56 8.11 15.29
CA THR A 326 9.22 8.50 13.35
CA THR A 326 9.56 8.62 13.92
C THR A 326 8.13 9.53 13.11
C THR A 326 8.31 9.45 13.64
N CYS A 327 7.03 9.41 13.85
N CYS A 327 7.22 9.18 14.35
CA CYS A 327 5.87 10.29 13.69
CA CYS A 327 5.97 9.92 14.14
C CYS A 327 6.02 11.61 14.42
C CYS A 327 6.03 11.33 14.71
N SER A 328 7.16 11.86 15.08
N SER A 328 7.02 11.63 15.54
CA SER A 328 7.46 13.14 15.71
CA SER A 328 7.16 12.95 16.16
C SER A 328 8.67 13.82 15.09
C SER A 328 8.41 13.68 15.70
N LEU A 329 9.20 13.31 13.98
N LEU A 329 8.98 13.28 14.57
CA LEU A 329 10.36 13.90 13.35
CA LEU A 329 10.12 13.99 14.01
C LEU A 329 10.02 15.27 12.74
C LEU A 329 9.67 15.37 13.50
N PRO A 330 11.04 16.08 12.43
N PRO A 330 10.62 16.30 13.33
CA PRO A 330 10.76 17.44 11.94
CA PRO A 330 10.24 17.64 12.84
C PRO A 330 9.95 17.50 10.66
C PRO A 330 9.57 17.63 11.48
N ASP A 331 9.98 16.44 9.84
N ASP A 331 9.77 16.58 10.67
CA ASP A 331 9.21 16.41 8.60
CA ASP A 331 9.16 16.51 9.35
C ASP A 331 7.89 15.67 8.75
C ASP A 331 7.77 15.89 9.37
N ALA A 332 7.48 15.33 9.97
N ALA A 332 7.24 15.54 10.53
CA ALA A 332 6.20 14.70 10.23
CA ALA A 332 5.94 14.91 10.65
C ALA A 332 5.19 15.72 10.71
C ALA A 332 4.86 15.95 10.92
N ALA A 333 3.99 15.67 10.12
N ALA A 333 3.72 15.79 10.26
CA ALA A 333 2.92 16.58 10.53
CA ALA A 333 2.57 16.68 10.46
C ALA A 333 2.43 16.23 11.93
C ALA A 333 1.99 16.41 11.84
N GLN A 334 2.37 17.23 12.81
CA GLN A 334 2.00 17.04 14.20
C GLN A 334 1.09 18.17 14.66
N PRO A 335 0.10 17.88 15.52
CA PRO A 335 -0.23 16.55 16.04
C PRO A 335 -0.94 15.69 14.99
N ALA A 336 -0.72 14.38 15.07
CA ALA A 336 -1.30 13.42 14.16
C ALA A 336 -2.05 12.35 14.95
N PRO A 337 -3.18 11.88 14.42
CA PRO A 337 -3.97 10.86 15.12
C PRO A 337 -3.51 9.44 14.83
N GLU A 338 -4.16 8.48 15.46
CA GLU A 338 -3.80 7.08 15.33
C GLU A 338 -3.80 6.62 13.88
N ALA A 339 -2.87 5.72 13.56
CA ALA A 339 -2.76 5.19 12.21
C ALA A 339 -4.10 4.68 11.73
N GLY A 340 -4.43 5.01 10.49
CA GLY A 340 -5.65 4.60 9.84
C GLY A 340 -6.80 5.55 10.05
N THR A 341 -6.76 6.36 11.09
CA THR A 341 -7.85 7.29 11.34
C THR A 341 -7.68 8.59 10.55
N TRP A 342 -8.79 9.30 10.34
CA TRP A 342 -8.78 10.44 9.44
C TRP A 342 -7.98 11.60 10.02
N PHE A 343 -7.18 12.23 9.17
CA PHE A 343 -6.30 13.34 9.55
C PHE A 343 -6.65 14.50 8.61
N GLN A 344 -7.65 15.28 9.01
CA GLN A 344 -8.28 16.26 8.12
C GLN A 344 -7.28 17.26 7.55
N ALA A 345 -6.44 17.85 8.41
CA ALA A 345 -5.53 18.89 7.93
C ALA A 345 -4.54 18.32 6.93
N TYR A 346 -4.16 17.06 7.11
CA TYR A 346 -3.23 16.41 6.19
C TYR A 346 -3.88 16.16 4.83
N PHE A 347 -5.14 15.71 4.85
CA PHE A 347 -5.89 15.54 3.61
C PHE A 347 -6.00 16.84 2.85
N GLN A 348 -6.34 17.93 3.54
CA GLN A 348 -6.48 19.21 2.86
CA GLN A 348 -6.50 19.18 2.80
C GLN A 348 -5.20 19.62 2.15
N THR A 349 -4.05 19.38 2.79
CA THR A 349 -2.78 19.69 2.15
C THR A 349 -2.52 18.76 0.95
N LEU A 350 -2.84 17.48 1.08
CA LEU A 350 -2.69 16.58 -0.07
C LEU A 350 -3.45 17.08 -1.29
N VAL A 351 -4.66 17.59 -1.05
N VAL A 351 -4.65 17.62 -1.06
CA VAL A 351 -5.47 18.17 -2.14
CA VAL A 351 -5.45 18.16 -2.16
C VAL A 351 -4.78 19.40 -2.71
C VAL A 351 -4.82 19.44 -2.70
N SER A 352 -4.41 20.33 -1.83
N SER A 352 -4.46 20.36 -1.81
CA SER A 352 -3.83 21.59 -2.29
CA SER A 352 -3.88 21.63 -2.24
C SER A 352 -2.55 21.37 -3.09
C SER A 352 -2.53 21.40 -2.91
N ALA A 353 -1.76 20.36 -2.72
N ALA A 353 -1.64 20.66 -2.25
CA ALA A 353 -0.45 20.12 -3.29
CA ALA A 353 -0.32 20.39 -2.79
C ALA A 353 -0.46 19.06 -4.40
C ALA A 353 -0.32 19.29 -3.84
N ALA A 354 -1.64 18.61 -4.82
N ALA A 354 -1.49 18.86 -4.31
CA ALA A 354 -1.72 17.54 -5.81
CA ALA A 354 -1.55 17.78 -5.29
C ALA A 354 -0.96 17.90 -7.08
C ALA A 354 -0.81 18.17 -6.57
N ASN A 355 -0.23 16.92 -7.59
N ASN A 355 0.06 17.28 -7.03
CA ASN A 355 0.58 17.10 -8.78
CA ASN A 355 0.73 17.41 -8.31
C ASN A 355 0.51 15.80 -9.57
C ASN A 355 0.74 16.05 -8.98
N PRO A 356 -0.20 15.77 -10.71
N PRO A 356 -0.02 15.86 -10.08
CA PRO A 356 -0.90 16.90 -11.34
CA PRO A 356 -0.81 16.80 -10.87
C PRO A 356 -2.06 17.45 -10.50
C PRO A 356 -1.96 17.47 -10.10
N PRO A 357 -2.43 18.71 -10.69
N PRO A 357 -2.39 18.65 -10.54
CA PRO A 357 -3.44 19.33 -9.83
CA PRO A 357 -3.45 19.35 -9.82
C PRO A 357 -4.80 18.66 -9.99
C PRO A 357 -4.79 18.67 -9.98
N LEU A 358 -5.61 18.76 -8.93
CA LEU A 358 -6.96 18.23 -8.96
C LEU A 358 -7.91 19.26 -9.56
C1 GLC B . 13.66 2.09 5.82
C2 GLC B . 12.45 2.40 4.96
C3 GLC B . 11.19 2.46 5.74
C4 GLC B . 10.92 1.22 6.56
C5 GLC B . 12.18 0.82 7.36
C6 GLC B . 11.98 -0.53 7.97
O1 GLC B . 13.89 3.11 6.70
O2 GLC B . 12.65 3.66 4.30
O3 GLC B . 10.13 2.68 4.76
O4 GLC B . 9.92 1.47 7.57
O5 GLC B . 13.41 0.82 6.56
O6 GLC B . 12.80 -0.67 9.11
C2 BGC B . 12.81 2.52 5.10
C3 BGC B . 11.54 2.49 5.85
C4 BGC B . 11.37 1.22 6.63
C5 BGC B . 12.62 0.80 7.41
C6 BGC B . 12.44 -0.62 7.89
C1 BGC B . 13.96 2.29 6.06
O1 BGC B . 15.15 2.43 5.42
O2 BGC B . 12.97 3.80 4.46
O3 BGC B . 10.44 2.66 4.90
O4 BGC B . 10.40 1.41 7.66
O5 BGC B . 13.86 0.91 6.63
O6 BGC B . 12.91 -0.74 9.20
C2 BGC B . 7.68 1.06 8.51
C2 BGC B . 8.27 0.77 8.54
C3 BGC B . 6.24 0.80 8.21
C3 BGC B . 6.83 0.53 8.28
C4 BGC B . 5.71 1.68 7.11
C4 BGC B . 6.26 1.49 7.29
C5 BGC B . 6.60 1.57 5.87
C5 BGC B . 7.09 1.48 6.01
C6 BGC B . 6.13 2.45 4.75
C6 BGC B . 6.59 2.46 4.99
C1 BGC B . 8.57 1.08 7.26
C1 BGC B . 9.11 0.92 7.29
O2 BGC B . 8.18 0.08 9.44
O2 BGC B . 8.81 -0.32 9.31
O3 BGC B . 5.42 1.00 9.40
O3 BGC B . 6.13 0.66 9.55
O4 BGC B . 4.37 1.32 6.79
O4 BGC B . 4.90 1.14 7.02
O5 BGC B . 7.96 1.97 6.24
O5 BGC B . 8.47 1.83 6.30
O6 BGC B . 7.09 2.48 3.73
O6 BGC B . 7.39 2.40 3.82
C2 BGC C . 28.61 6.82 -3.02
C3 BGC C . 29.22 5.72 -3.81
C4 BGC C . 28.24 4.75 -4.40
C5 BGC C . 27.09 5.48 -5.09
C6 BGC C . 26.00 4.55 -5.54
C1 BGC C . 27.46 7.48 -3.77
O1 BGC C . 26.83 8.37 -2.96
O2 BGC C . 29.61 7.83 -2.76
O3 BGC C . 30.14 5.01 -2.94
O4 BGC C . 28.95 4.00 -5.39
O5 BGC C . 26.45 6.45 -4.20
O6 BGC C . 24.93 5.30 -6.05
C2 BGC C . 29.45 1.88 -6.37
C3 BGC C . 29.37 0.39 -6.21
C4 BGC C . 29.91 -0.06 -4.88
C5 BGC C . 29.31 0.72 -3.70
C6 BGC C . 30.03 0.36 -2.44
C1 BGC C . 28.81 2.59 -5.19
O2 BGC C . 28.75 2.27 -7.56
O3 BGC C . 30.12 -0.23 -7.28
O4 BGC C . 29.60 -1.43 -4.69
O5 BGC C . 29.43 2.16 -3.89
O6 BGC C . 29.38 0.94 -1.33
C2 BGC D . -3.24 1.61 9.33
C3 BGC D . -4.47 0.92 8.88
C4 BGC D . -5.09 1.52 7.64
C5 BGC D . -4.05 1.76 6.53
C6 BGC D . -4.59 2.60 5.41
C1 BGC D . -2.26 1.75 8.18
O1 BGC D . -1.18 2.47 8.54
O2 BGC D . -2.60 0.86 10.37
O3 BGC D . -5.41 0.91 9.99
O4 BGC D . -6.07 0.63 7.14
O5 BGC D . -2.91 2.49 7.07
O6 BGC D . -4.75 3.93 5.85
#